data_3F13
#
_entry.id   3F13
#
_cell.length_a   40.950
_cell.length_b   43.877
_cell.length_c   55.967
_cell.angle_alpha   73.470
_cell.angle_beta   74.060
_cell.angle_gamma   62.660
#
_symmetry.space_group_name_H-M   'P 1'
#
loop_
_entity.id
_entity.type
_entity.pdbx_description
1 polymer 'putative nudix hydrolase family member'
2 water water
#
_entity_poly.entity_id   1
_entity_poly.type   'polypeptide(L)'
_entity_poly.pdbx_seq_one_letter_code
;MSLEDRKNERLPSDLARRATAIIEMPDGVLVTASRGGRYNLPGGKANRGELRSQALIREIREETGLRINSMLYLFDHITP
FNAHKVYLCIAQGQPKPQNEIERIALVSSPDTDMDLFVEGRAILRRYARLRNEETAKGEALRALLGLARYIAKVDEGHHH
HHH
;
_entity_poly.pdbx_strand_id   A,B
#
# COMPACT_ATOMS: atom_id res chain seq x y z
N ARG A 10 19.87 25.42 13.40
CA ARG A 10 18.62 26.21 13.67
C ARG A 10 17.45 25.29 14.02
N LEU A 11 16.55 25.80 14.84
CA LEU A 11 15.37 25.05 15.25
C LEU A 11 14.27 25.13 14.19
N PRO A 12 13.98 24.00 13.54
CA PRO A 12 12.88 24.01 12.58
C PRO A 12 11.55 24.34 13.27
N SER A 13 10.77 25.27 12.72
CA SER A 13 9.55 25.67 13.43
C SER A 13 8.38 24.71 13.21
N ASP A 14 8.37 24.01 12.07
CA ASP A 14 7.31 23.00 11.76
C ASP A 14 7.95 21.72 11.24
N LEU A 15 7.22 20.59 11.27
CA LEU A 15 7.73 19.31 10.82
C LEU A 15 7.12 18.91 9.49
N ALA A 16 7.96 18.54 8.53
CA ALA A 16 7.46 17.98 7.25
C ALA A 16 6.65 16.68 7.45
N ARG A 17 5.55 16.53 6.71
CA ARG A 17 4.85 15.27 6.69
C ARG A 17 5.57 14.42 5.62
N ARG A 18 6.58 13.67 6.06
CA ARG A 18 7.44 12.92 5.16
C ARG A 18 6.96 11.45 5.01
N ALA A 19 7.18 10.86 3.84
CA ALA A 19 6.83 9.47 3.60
C ALA A 19 8.16 8.82 3.23
N THR A 20 8.46 7.71 3.86
CA THR A 20 9.72 7.03 3.57
C THR A 20 9.48 5.56 3.27
N ALA A 21 10.24 5.05 2.29
CA ALA A 21 10.02 3.71 1.72
C ALA A 21 11.13 2.77 2.07
N ILE A 22 10.80 1.60 2.60
CA ILE A 22 11.76 0.49 2.72
C ILE A 22 11.43 -0.48 1.56
N ILE A 23 12.38 -0.62 0.65
CA ILE A 23 12.18 -1.44 -0.54
C ILE A 23 13.26 -2.53 -0.53
N GLU A 24 12.88 -3.78 -0.23
CA GLU A 24 13.85 -4.84 -0.13
C GLU A 24 14.14 -5.43 -1.51
N MET A 25 15.34 -5.21 -2.00
CA MET A 25 15.82 -5.95 -3.15
C MET A 25 16.56 -7.20 -2.68
N PRO A 26 16.90 -8.08 -3.62
CA PRO A 26 17.54 -9.34 -3.23
C PRO A 26 18.71 -9.16 -2.27
N ASP A 27 19.66 -8.29 -2.63
CA ASP A 27 20.86 -8.06 -1.79
C ASP A 27 20.76 -6.87 -0.80
N GLY A 28 19.55 -6.43 -0.44
CA GLY A 28 19.42 -5.37 0.58
C GLY A 28 18.35 -4.32 0.33
N VAL A 29 18.27 -3.33 1.23
CA VAL A 29 17.25 -2.25 1.14
C VAL A 29 17.78 -1.11 0.25
N LEU A 30 16.92 -0.62 -0.63
CA LEU A 30 17.29 0.44 -1.58
C LEU A 30 17.55 1.81 -0.88
N VAL A 31 18.66 2.47 -1.19
CA VAL A 31 18.88 3.84 -0.74
C VAL A 31 19.38 4.64 -1.93
N THR A 32 19.22 5.94 -1.87
CA THR A 32 19.45 6.80 -3.04
C THR A 32 20.27 7.99 -2.58
N ALA A 33 20.91 8.69 -3.50
CA ALA A 33 21.57 9.93 -3.14
C ALA A 33 21.48 10.92 -4.28
N SER A 34 21.04 12.13 -3.97
CA SER A 34 21.13 13.26 -4.92
C SER A 34 22.57 13.79 -4.95
N ARG A 38 25.31 12.04 0.77
CA ARG A 38 24.87 10.94 1.61
C ARG A 38 23.68 10.18 1.03
N TYR A 39 23.71 8.87 1.23
CA TYR A 39 22.56 8.03 0.90
C TYR A 39 21.47 8.13 1.98
N ASN A 40 20.22 8.00 1.55
CA ASN A 40 19.11 7.98 2.50
C ASN A 40 18.05 7.08 1.95
N LEU A 41 17.06 6.74 2.78
CA LEU A 41 15.96 5.93 2.25
C LEU A 41 15.14 6.83 1.30
N PRO A 42 14.62 6.25 0.23
CA PRO A 42 13.86 7.07 -0.68
C PRO A 42 12.52 7.55 -0.09
N GLY A 43 11.94 8.56 -0.72
CA GLY A 43 10.69 9.13 -0.23
C GLY A 43 10.70 10.63 -0.39
N GLY A 44 9.86 11.35 0.34
CA GLY A 44 9.79 12.82 0.20
C GLY A 44 8.65 13.40 1.02
N LYS A 45 8.37 14.70 0.85
CA LYS A 45 7.28 15.29 1.61
C LYS A 45 5.92 15.18 0.92
N ALA A 46 4.88 15.01 1.71
CA ALA A 46 3.52 15.12 1.23
C ALA A 46 3.07 16.60 1.15
N ASN A 47 2.42 16.94 0.04
CA ASN A 47 1.85 18.28 -0.17
C ASN A 47 0.60 18.53 0.67
N ARG A 48 0.26 19.80 0.89
CA ARG A 48 -1.01 20.11 1.53
C ARG A 48 -2.13 19.39 0.76
N GLY A 49 -3.11 18.85 1.46
CA GLY A 49 -4.16 18.11 0.78
C GLY A 49 -3.84 16.70 0.28
N GLU A 50 -2.58 16.24 0.37
CA GLU A 50 -2.34 14.83 0.01
C GLU A 50 -1.81 13.99 1.18
N LEU A 51 -2.14 12.71 1.14
CA LEU A 51 -1.76 11.73 2.16
C LEU A 51 -0.32 11.33 1.92
N ARG A 52 0.36 10.94 3.00
CA ARG A 52 1.74 10.52 2.82
C ARG A 52 1.78 9.28 1.91
N SER A 53 0.77 8.42 1.97
CA SER A 53 0.82 7.20 1.13
C SER A 53 0.77 7.57 -0.38
N GLN A 54 -0.02 8.58 -0.73
CA GLN A 54 -0.08 9.09 -2.11
C GLN A 54 1.24 9.68 -2.55
N ALA A 55 1.82 10.46 -1.68
CA ALA A 55 3.08 11.09 -1.99
C ALA A 55 4.20 10.08 -2.17
N LEU A 56 4.17 9.00 -1.37
CA LEU A 56 5.22 8.01 -1.45
C LEU A 56 5.26 7.31 -2.81
N ILE A 57 4.09 6.93 -3.32
CA ILE A 57 4.07 6.22 -4.60
C ILE A 57 4.58 7.14 -5.70
N ARG A 58 4.15 8.39 -5.67
CA ARG A 58 4.58 9.40 -6.63
C ARG A 58 6.10 9.60 -6.60
N GLU A 59 6.62 9.72 -5.40
CA GLU A 59 8.00 10.11 -5.25
C GLU A 59 8.96 8.96 -5.49
N ILE A 60 8.60 7.76 -5.06
CA ILE A 60 9.43 6.62 -5.42
C ILE A 60 9.49 6.46 -6.95
N ARG A 61 8.36 6.58 -7.63
CA ARG A 61 8.42 6.54 -9.08
C ARG A 61 9.34 7.62 -9.67
N GLU A 62 9.20 8.86 -9.21
CA GLU A 62 10.05 9.94 -9.69
C GLU A 62 11.54 9.68 -9.47
N GLU A 63 11.89 9.09 -8.32
CA GLU A 63 13.31 9.01 -7.93
C GLU A 63 13.99 7.80 -8.53
N THR A 64 13.22 6.75 -8.84
CA THR A 64 13.82 5.45 -9.17
C THR A 64 13.13 4.73 -10.31
N GLY A 65 11.98 5.21 -10.75
CA GLY A 65 11.20 4.52 -11.78
C GLY A 65 10.38 3.33 -11.30
N LEU A 66 10.55 2.96 -10.04
CA LEU A 66 9.77 1.82 -9.53
C LEU A 66 8.30 2.21 -9.42
N ARG A 67 7.39 1.29 -9.76
CA ARG A 67 5.96 1.50 -9.62
C ARG A 67 5.43 0.66 -8.45
N ILE A 68 5.18 1.31 -7.32
CA ILE A 68 4.70 0.60 -6.12
C ILE A 68 3.29 0.02 -6.31
N ASN A 69 3.10 -1.28 -6.07
CA ASN A 69 1.78 -1.93 -6.10
CA ASN A 69 1.72 -1.81 -6.07
C ASN A 69 1.26 -2.42 -4.76
N SER A 70 2.16 -2.50 -3.79
CA SER A 70 1.80 -2.99 -2.46
C SER A 70 2.66 -2.23 -1.46
N MET A 71 2.07 -1.90 -0.32
CA MET A 71 2.79 -1.18 0.72
C MET A 71 2.18 -1.54 2.05
N LEU A 72 3.04 -1.57 3.06
CA LEU A 72 2.61 -1.75 4.42
C LEU A 72 3.16 -0.67 5.33
N TYR A 73 2.29 0.08 5.96
CA TYR A 73 2.66 1.11 6.91
C TYR A 73 3.25 0.43 8.13
N LEU A 74 4.48 0.84 8.52
CA LEU A 74 5.24 0.11 9.56
C LEU A 74 5.23 0.87 10.91
N PHE A 75 5.67 2.12 10.85
CA PHE A 75 5.75 2.97 12.06
C PHE A 75 6.01 4.41 11.69
N ASP A 76 5.83 5.27 12.66
CA ASP A 76 6.20 6.68 12.55
C ASP A 76 7.61 6.85 13.06
N HIS A 77 8.32 7.79 12.44
CA HIS A 77 9.65 8.12 12.89
C HIS A 77 9.77 9.63 12.95
N ILE A 78 10.00 10.15 14.14
CA ILE A 78 9.85 11.58 14.32
C ILE A 78 11.22 12.18 14.63
N THR A 79 11.57 13.25 13.90
CA THR A 79 12.82 13.99 14.14
C THR A 79 12.54 15.48 14.29
N PRO A 80 13.59 16.27 14.60
CA PRO A 80 13.32 17.72 14.67
C PRO A 80 12.82 18.30 13.33
N PHE A 81 13.16 17.66 12.22
CA PHE A 81 12.77 18.21 10.92
C PHE A 81 11.55 17.50 10.35
N ASN A 82 11.42 16.21 10.63
CA ASN A 82 10.49 15.36 9.86
C ASN A 82 9.58 14.54 10.73
N ALA A 83 8.34 14.43 10.31
CA ALA A 83 7.43 13.45 10.89
C ALA A 83 7.20 12.38 9.83
N HIS A 84 8.02 11.34 9.85
CA HIS A 84 7.92 10.30 8.84
C HIS A 84 6.79 9.33 9.15
N LYS A 85 6.15 8.82 8.10
CA LYS A 85 5.57 7.48 8.18
C LYS A 85 6.42 6.63 7.29
N VAL A 86 6.72 5.42 7.77
CA VAL A 86 7.61 4.50 7.11
C VAL A 86 6.83 3.31 6.59
N TYR A 87 7.07 2.93 5.34
CA TYR A 87 6.30 1.90 4.64
C TYR A 87 7.24 0.86 4.00
N LEU A 88 6.91 -0.42 4.20
CA LEU A 88 7.55 -1.46 3.39
C LEU A 88 6.81 -1.46 2.05
N CYS A 89 7.54 -1.33 0.95
CA CYS A 89 6.94 -1.27 -0.40
C CYS A 89 7.48 -2.38 -1.30
N ILE A 90 6.61 -2.92 -2.16
CA ILE A 90 6.93 -3.87 -3.22
C ILE A 90 6.61 -3.20 -4.54
N ALA A 91 7.53 -3.32 -5.48
CA ALA A 91 7.36 -2.70 -6.81
C ALA A 91 7.92 -3.55 -7.96
N GLY A 93 9.82 -4.15 -10.56
CA GLY A 93 10.73 -3.38 -11.43
C GLY A 93 12.18 -3.40 -10.99
N GLN A 94 13.02 -2.66 -11.73
CA GLN A 94 14.44 -2.50 -11.39
C GLN A 94 14.78 -1.04 -11.17
N PRO A 95 15.24 -0.68 -9.95
CA PRO A 95 15.47 0.74 -9.71
C PRO A 95 16.61 1.30 -10.57
N LYS A 96 16.54 2.59 -10.91
CA LYS A 96 17.65 3.29 -11.57
C LYS A 96 17.61 4.74 -11.14
N PRO A 97 18.77 5.37 -11.00
CA PRO A 97 18.80 6.77 -10.63
C PRO A 97 18.07 7.59 -11.67
N GLN A 98 17.23 8.50 -11.20
CA GLN A 98 16.29 9.26 -12.02
C GLN A 98 16.28 10.69 -11.55
N ASN A 99 15.98 11.64 -12.43
CA ASN A 99 15.82 13.03 -12.02
C ASN A 99 16.86 13.46 -10.98
N GLU A 100 16.42 13.94 -9.83
CA GLU A 100 17.38 14.44 -8.82
C GLU A 100 18.28 13.36 -8.21
N ILE A 101 17.93 12.08 -8.38
CA ILE A 101 18.74 11.01 -7.80
C ILE A 101 19.88 10.67 -8.75
N GLU A 102 21.11 10.70 -8.26
CA GLU A 102 22.21 10.40 -9.15
C GLU A 102 22.81 9.03 -8.88
N ARG A 103 22.77 8.59 -7.63
CA ARG A 103 23.24 7.25 -7.27
C ARG A 103 22.19 6.48 -6.45
N ILE A 104 22.23 5.16 -6.59
CA ILE A 104 21.45 4.29 -5.74
C ILE A 104 22.39 3.20 -5.25
N ALA A 105 22.03 2.59 -4.13
CA ALA A 105 22.80 1.46 -3.61
C ALA A 105 21.87 0.58 -2.79
N LEU A 106 22.42 -0.44 -2.16
CA LEU A 106 21.62 -1.35 -1.35
C LEU A 106 22.29 -1.54 -0.02
N VAL A 107 21.50 -1.56 1.06
CA VAL A 107 22.01 -1.66 2.39
C VAL A 107 21.65 -3.01 3.00
N SER A 108 22.66 -3.73 3.46
CA SER A 108 22.48 -5.06 4.03
C SER A 108 22.22 -5.08 5.51
N SER A 109 22.67 -4.06 6.22
CA SER A 109 22.33 -3.96 7.63
C SER A 109 22.46 -2.53 8.10
N PRO A 110 21.86 -2.23 9.24
CA PRO A 110 21.77 -0.89 9.81
C PRO A 110 23.12 -0.33 10.25
N ASP A 111 24.14 -1.17 10.33
CA ASP A 111 25.45 -0.62 10.64
C ASP A 111 26.42 -0.89 9.49
N THR A 112 25.85 -0.83 8.29
CA THR A 112 26.61 -0.71 7.07
C THR A 112 27.67 0.38 7.23
N ASP A 113 28.79 0.21 6.52
CA ASP A 113 29.87 1.20 6.36
C ASP A 113 29.46 2.37 5.49
N MET A 114 28.45 2.13 4.67
CA MET A 114 27.94 3.12 3.74
C MET A 114 27.68 4.41 4.51
N ASP A 115 27.85 5.56 3.86
CA ASP A 115 27.57 6.81 4.56
C ASP A 115 26.08 7.18 4.50
N LEU A 116 25.34 6.70 5.50
CA LEU A 116 23.91 6.94 5.57
C LEU A 116 23.57 8.18 6.36
N PHE A 117 22.58 8.90 5.88
CA PHE A 117 21.98 9.93 6.67
C PHE A 117 21.51 9.30 8.01
N VAL A 118 21.73 10.02 9.10
CA VAL A 118 21.42 9.53 10.44
C VAL A 118 20.01 8.94 10.60
N GLU A 119 19.00 9.67 10.09
CA GLU A 119 17.56 9.25 10.21
C GLU A 119 17.34 7.93 9.48
N GLY A 120 18.06 7.78 8.38
CA GLY A 120 17.91 6.61 7.54
C GLY A 120 18.44 5.42 8.33
N ARG A 121 19.59 5.60 8.95
CA ARG A 121 20.14 4.49 9.75
C ARG A 121 19.21 4.07 10.90
N ALA A 122 18.66 5.09 11.57
CA ALA A 122 17.80 4.88 12.73
C ALA A 122 16.53 4.16 12.30
N ILE A 123 16.00 4.56 11.16
CA ILE A 123 14.78 3.86 10.68
C ILE A 123 15.11 2.41 10.30
N LEU A 124 16.25 2.16 9.69
CA LEU A 124 16.64 0.78 9.33
CA LEU A 124 16.60 0.77 9.33
C LEU A 124 16.81 -0.09 10.59
N ARG A 125 17.34 0.52 11.65
CA ARG A 125 17.50 -0.19 12.91
C ARG A 125 16.12 -0.62 13.44
N ARG A 126 15.17 0.27 13.38
CA ARG A 126 13.83 0.03 13.90
C ARG A 126 13.12 -1.03 13.05
N TYR A 127 13.36 -0.98 11.74
CA TYR A 127 12.86 -1.95 10.79
C TYR A 127 13.36 -3.34 11.13
N ALA A 128 14.67 -3.46 11.37
CA ALA A 128 15.29 -4.78 11.64
C ALA A 128 14.62 -5.37 12.88
N ARG A 129 14.37 -4.56 13.89
CA ARG A 129 13.66 -5.05 15.08
C ARG A 129 12.23 -5.52 14.77
N LEU A 130 11.48 -4.69 14.04
CA LEU A 130 10.08 -5.03 13.70
C LEU A 130 10.00 -6.33 12.92
N ARG A 131 11.02 -6.59 12.12
CA ARG A 131 11.03 -7.83 11.32
C ARG A 131 10.95 -9.07 12.19
N ASN A 132 11.40 -8.94 13.43
CA ASN A 132 11.37 -10.11 14.32
CA ASN A 132 11.45 -10.05 14.39
C ASN A 132 10.33 -10.05 15.42
N GLU A 133 9.45 -9.05 15.35
CA GLU A 133 8.41 -8.87 16.34
C GLU A 133 7.36 -9.95 16.31
N GLU A 134 6.93 -10.41 17.50
CA GLU A 134 5.78 -11.30 17.63
C GLU A 134 4.48 -10.48 17.76
N THR A 135 4.09 -9.81 16.69
CA THR A 135 2.90 -8.96 16.68
C THR A 135 2.21 -9.13 15.34
N ALA A 136 0.95 -8.71 15.23
CA ALA A 136 0.19 -8.78 13.96
C ALA A 136 0.95 -8.03 12.86
N LYS A 137 1.50 -6.87 13.22
CA LYS A 137 2.31 -6.09 12.25
C LYS A 137 3.60 -6.81 11.81
N GLY A 138 4.32 -7.42 12.76
CA GLY A 138 5.55 -8.17 12.43
C GLY A 138 5.21 -9.33 11.51
N GLU A 139 4.06 -9.97 11.76
CA GLU A 139 3.63 -11.12 10.93
C GLU A 139 3.30 -10.65 9.50
N ALA A 140 2.56 -9.54 9.41
CA ALA A 140 2.28 -8.93 8.10
C ALA A 140 3.55 -8.56 7.32
N LEU A 141 4.49 -7.94 8.01
CA LEU A 141 5.75 -7.56 7.39
C LEU A 141 6.46 -8.84 6.89
N ARG A 142 6.56 -9.85 7.75
CA ARG A 142 7.27 -11.07 7.32
C ARG A 142 6.57 -11.73 6.14
N ALA A 143 5.25 -11.73 6.15
CA ALA A 143 4.50 -12.31 5.03
C ALA A 143 4.77 -11.53 3.76
N LEU A 144 4.80 -10.23 3.89
CA LEU A 144 5.07 -9.41 2.71
C LEU A 144 6.47 -9.67 2.15
N LEU A 145 7.45 -9.81 3.03
CA LEU A 145 8.80 -10.05 2.60
C LEU A 145 8.88 -11.44 1.95
N GLY A 146 8.05 -12.35 2.43
CA GLY A 146 7.94 -13.67 1.84
C GLY A 146 7.46 -13.53 0.42
N LEU A 147 6.42 -12.71 0.22
CA LEU A 147 5.92 -12.43 -1.14
C LEU A 147 7.00 -11.84 -2.05
N ALA A 148 7.72 -10.84 -1.58
CA ALA A 148 8.75 -10.20 -2.39
C ALA A 148 9.83 -11.22 -2.76
N ARG A 149 10.16 -12.10 -1.84
CA ARG A 149 11.20 -13.08 -2.05
C ARG A 149 10.75 -14.08 -3.11
N TYR A 150 9.48 -14.44 -3.08
CA TYR A 150 8.95 -15.38 -4.08
C TYR A 150 8.95 -14.75 -5.48
N ILE A 151 8.47 -13.52 -5.56
CA ILE A 151 8.45 -12.78 -6.81
C ILE A 151 9.86 -12.69 -7.38
N ALA A 152 10.83 -12.34 -6.55
CA ALA A 152 12.21 -12.23 -7.04
C ALA A 152 12.75 -13.58 -7.51
N LYS A 153 12.43 -14.66 -6.79
CA LYS A 153 12.88 -16.01 -7.13
C LYS A 153 12.27 -16.47 -8.43
N VAL A 154 11.02 -16.11 -8.61
CA VAL A 154 10.29 -16.47 -9.82
C VAL A 154 10.97 -15.80 -11.01
N ASP A 155 11.24 -14.50 -10.93
CA ASP A 155 12.17 -13.90 -11.86
C ASP A 155 13.53 -14.57 -11.66
N LEU B 11 -17.46 -1.92 -28.32
CA LEU B 11 -16.07 -2.24 -27.87
C LEU B 11 -15.11 -1.13 -28.23
N PRO B 12 -14.28 -0.73 -27.25
CA PRO B 12 -13.46 0.48 -27.36
C PRO B 12 -12.15 0.25 -28.10
N SER B 13 -11.47 1.33 -28.45
CA SER B 13 -10.14 1.23 -29.08
C SER B 13 -9.11 0.66 -28.14
N ASP B 14 -9.38 0.75 -26.84
CA ASP B 14 -8.42 0.37 -25.79
C ASP B 14 -9.20 0.24 -24.47
N LEU B 15 -8.60 -0.44 -23.49
CA LEU B 15 -9.22 -0.58 -22.16
C LEU B 15 -8.74 0.53 -21.20
N ALA B 16 -9.66 1.14 -20.47
CA ALA B 16 -9.28 2.15 -19.46
C ALA B 16 -8.75 1.53 -18.19
N ARG B 17 -7.77 2.19 -17.57
CA ARG B 17 -7.18 1.61 -16.33
C ARG B 17 -8.00 1.97 -15.12
N ARG B 18 -8.44 0.96 -14.35
CA ARG B 18 -9.23 1.26 -13.16
C ARG B 18 -8.54 0.61 -11.98
N ALA B 19 -8.71 1.20 -10.79
CA ALA B 19 -8.27 0.50 -9.55
C ALA B 19 -9.51 0.07 -8.79
N THR B 20 -9.47 -1.07 -8.10
CA THR B 20 -10.65 -1.51 -7.38
C THR B 20 -10.15 -1.98 -6.01
N ALA B 21 -10.85 -1.61 -4.93
CA ALA B 21 -10.44 -1.99 -3.54
C ALA B 21 -11.31 -3.05 -2.93
N ILE B 22 -10.66 -3.99 -2.28
CA ILE B 22 -11.35 -4.91 -1.40
C ILE B 22 -10.98 -4.48 -0.01
N ILE B 23 -11.96 -3.94 0.74
CA ILE B 23 -11.73 -3.48 2.10
C ILE B 23 -12.60 -4.29 3.06
N GLU B 24 -11.96 -5.09 3.90
CA GLU B 24 -12.71 -5.94 4.83
C GLU B 24 -13.00 -5.18 6.12
N MET B 25 -14.28 -4.95 6.36
CA MET B 25 -14.72 -4.43 7.64
C MET B 25 -15.07 -5.65 8.49
N PRO B 26 -15.28 -5.44 9.80
CA PRO B 26 -15.53 -6.63 10.60
C PRO B 26 -16.64 -7.54 10.06
N ASP B 27 -17.76 -6.96 9.65
CA ASP B 27 -18.87 -7.76 9.13
C ASP B 27 -18.95 -7.93 7.61
N GLY B 28 -17.90 -7.57 6.88
CA GLY B 28 -17.81 -7.96 5.47
C GLY B 28 -17.03 -6.97 4.59
N VAL B 29 -17.04 -7.22 3.28
CA VAL B 29 -16.34 -6.35 2.31
C VAL B 29 -17.19 -5.12 1.95
N LEU B 30 -16.58 -3.95 2.01
CA LEU B 30 -17.21 -2.69 1.69
C LEU B 30 -17.62 -2.58 0.21
N VAL B 31 -18.87 -2.21 -0.04
CA VAL B 31 -19.34 -1.85 -1.39
C VAL B 31 -20.11 -0.56 -1.30
N THR B 32 -20.17 0.14 -2.43
CA THR B 32 -20.76 1.47 -2.48
C THR B 32 -21.70 1.56 -3.67
N ALA B 33 -22.71 2.44 -3.54
CA ALA B 33 -23.68 2.67 -4.62
C ALA B 33 -23.87 4.18 -4.78
N SER B 34 -23.78 4.66 -6.02
CA SER B 34 -24.10 6.06 -6.33
C SER B 34 -25.55 6.20 -6.79
N ARG B 38 -27.03 0.05 -8.28
CA ARG B 38 -26.31 -1.17 -7.94
C ARG B 38 -25.07 -0.93 -7.08
N TYR B 39 -24.81 -1.85 -6.16
CA TYR B 39 -23.58 -1.76 -5.39
C TYR B 39 -22.38 -2.27 -6.19
N ASN B 40 -21.22 -1.71 -5.93
CA ASN B 40 -20.00 -2.15 -6.56
C ASN B 40 -18.85 -1.96 -5.58
N LEU B 41 -17.76 -2.67 -5.83
CA LEU B 41 -16.54 -2.40 -5.06
C LEU B 41 -16.03 -0.97 -5.32
N PRO B 42 -15.51 -0.33 -4.27
CA PRO B 42 -15.02 1.05 -4.41
C PRO B 42 -13.84 1.14 -5.39
N GLY B 43 -13.64 2.31 -6.02
CA GLY B 43 -12.51 2.44 -6.93
C GLY B 43 -12.86 3.41 -8.02
N GLY B 44 -12.04 3.48 -9.06
CA GLY B 44 -12.32 4.39 -10.18
C GLY B 44 -11.25 4.40 -11.24
N LYS B 45 -11.37 5.29 -12.21
CA LYS B 45 -10.43 5.35 -13.28
C LYS B 45 -9.18 6.12 -12.89
N ALA B 46 -8.04 5.63 -13.33
CA ALA B 46 -6.74 6.27 -13.13
C ALA B 46 -6.51 7.45 -14.10
N ASN B 47 -5.93 8.55 -13.65
CA ASN B 47 -5.66 9.65 -14.60
C ASN B 47 -4.39 9.35 -15.37
N ARG B 48 -4.23 9.98 -16.54
CA ARG B 48 -2.96 9.89 -17.24
C ARG B 48 -1.83 10.30 -16.30
N GLY B 49 -0.69 9.62 -16.37
CA GLY B 49 0.40 9.92 -15.47
C GLY B 49 0.30 9.35 -14.06
N GLU B 50 -0.83 8.72 -13.75
CA GLU B 50 -1.15 8.26 -12.40
C GLU B 50 -1.24 6.75 -12.39
N LEU B 51 -0.43 6.09 -11.56
CA LEU B 51 -0.54 4.65 -11.38
C LEU B 51 -1.89 4.27 -10.77
N ARG B 52 -2.36 3.06 -11.04
CA ARG B 52 -3.59 2.57 -10.40
C ARG B 52 -3.49 2.56 -8.89
N SER B 53 -2.29 2.32 -8.37
CA SER B 53 -2.19 2.26 -6.91
C SER B 53 -2.36 3.68 -6.38
N GLN B 54 -1.98 4.70 -7.16
CA GLN B 54 -2.19 6.10 -6.74
C GLN B 54 -3.67 6.45 -6.84
N ALA B 55 -4.26 6.09 -7.95
CA ALA B 55 -5.66 6.35 -8.15
C ALA B 55 -6.49 5.66 -7.05
N LEU B 56 -6.08 4.46 -6.64
CA LEU B 56 -6.89 3.74 -5.63
C LEU B 56 -7.00 4.57 -4.34
N ILE B 57 -5.86 5.05 -3.85
CA ILE B 57 -5.88 5.85 -2.61
C ILE B 57 -6.75 7.11 -2.73
N ARG B 58 -6.59 7.80 -3.83
CA ARG B 58 -7.37 9.00 -4.10
C ARG B 58 -8.86 8.68 -4.11
N GLU B 59 -9.24 7.66 -4.86
CA GLU B 59 -10.66 7.37 -5.05
C GLU B 59 -11.35 6.82 -3.80
N ILE B 60 -10.67 5.94 -3.06
CA ILE B 60 -11.26 5.45 -1.85
C ILE B 60 -11.52 6.63 -0.90
N ARG B 61 -10.55 7.54 -0.78
CA ARG B 61 -10.75 8.72 0.07
C ARG B 61 -11.97 9.51 -0.39
N GLU B 62 -12.02 9.82 -1.69
CA GLU B 62 -13.14 10.56 -2.27
C GLU B 62 -14.48 9.91 -1.93
N GLU B 63 -14.56 8.59 -2.15
CA GLU B 63 -15.86 7.88 -2.04
C GLU B 63 -16.32 7.54 -0.61
N THR B 64 -15.35 7.28 0.28
CA THR B 64 -15.66 6.77 1.62
C THR B 64 -15.07 7.59 2.78
N GLY B 65 -14.13 8.49 2.48
CA GLY B 65 -13.42 9.22 3.52
C GLY B 65 -12.28 8.43 4.11
N LEU B 66 -12.18 7.14 3.77
CA LEU B 66 -11.08 6.33 4.33
C LEU B 66 -9.70 6.71 3.75
N ARG B 67 -8.68 6.70 4.63
CA ARG B 67 -7.31 7.01 4.23
C ARG B 67 -6.49 5.72 4.25
N ILE B 68 -6.18 5.22 3.06
CA ILE B 68 -5.46 3.95 2.98
C ILE B 68 -3.96 4.10 3.32
N ASN B 69 -3.45 3.30 4.29
CA ASN B 69 -2.04 3.19 4.80
CA ASN B 69 -1.98 3.33 4.53
C ASN B 69 -1.25 1.99 4.25
N SER B 70 -2.01 0.97 3.89
CA SER B 70 -1.48 -0.33 3.46
C SER B 70 -2.40 -0.94 2.41
N MET B 71 -1.81 -1.53 1.41
CA MET B 71 -2.53 -2.17 0.33
C MET B 71 -1.71 -3.34 -0.18
N LEU B 72 -2.40 -4.36 -0.67
CA LEU B 72 -1.72 -5.47 -1.28
C LEU B 72 -2.31 -5.74 -2.65
N TYR B 73 -1.52 -5.58 -3.70
CA TYR B 73 -1.99 -5.93 -5.06
C TYR B 73 -2.34 -7.42 -5.15
N LEU B 74 -3.59 -7.74 -5.54
CA LEU B 74 -4.01 -9.14 -5.63
C LEU B 74 -3.96 -9.66 -7.08
N PHE B 75 -4.61 -8.96 -8.02
CA PHE B 75 -4.65 -9.46 -9.40
C PHE B 75 -5.26 -8.43 -10.32
N ASP B 76 -5.20 -8.73 -11.62
CA ASP B 76 -5.81 -7.89 -12.65
C ASP B 76 -7.15 -8.53 -12.99
N HIS B 77 -8.15 -7.72 -13.35
CA HIS B 77 -9.42 -8.23 -13.79
C HIS B 77 -9.77 -7.42 -15.05
N ILE B 78 -9.82 -8.05 -16.22
CA ILE B 78 -10.21 -7.28 -17.41
C ILE B 78 -11.65 -7.56 -17.82
N THR B 79 -12.29 -6.53 -18.35
CA THR B 79 -13.63 -6.66 -18.91
C THR B 79 -13.56 -6.04 -20.31
N PRO B 80 -14.72 -5.94 -21.00
CA PRO B 80 -14.58 -5.47 -22.39
C PRO B 80 -14.16 -4.03 -22.50
N PHE B 81 -14.36 -3.25 -21.42
CA PHE B 81 -14.07 -1.82 -21.41
C PHE B 81 -12.92 -1.35 -20.52
N ASN B 82 -12.66 -2.10 -19.46
CA ASN B 82 -11.78 -1.67 -18.38
C ASN B 82 -10.74 -2.72 -17.99
N ALA B 83 -9.56 -2.26 -17.61
CA ALA B 83 -8.54 -3.15 -17.04
C ALA B 83 -8.34 -2.81 -15.55
N HIS B 84 -8.82 -3.67 -14.64
CA HIS B 84 -8.75 -3.34 -13.23
C HIS B 84 -7.48 -3.91 -12.64
N LYS B 85 -6.83 -3.15 -11.77
CA LYS B 85 -5.97 -3.80 -10.75
C LYS B 85 -6.76 -3.86 -9.46
N VAL B 86 -6.72 -5.01 -8.78
CA VAL B 86 -7.50 -5.20 -7.58
C VAL B 86 -6.57 -5.29 -6.37
N TYR B 87 -6.88 -4.56 -5.29
CA TYR B 87 -6.02 -4.48 -4.10
C TYR B 87 -6.80 -4.69 -2.81
N LEU B 88 -6.22 -5.41 -1.86
CA LEU B 88 -6.78 -5.55 -0.52
C LEU B 88 -6.21 -4.37 0.25
N CYS B 89 -7.08 -3.55 0.80
CA CYS B 89 -6.63 -2.33 1.51
C CYS B 89 -7.03 -2.29 2.98
N ILE B 90 -6.13 -1.73 3.80
CA ILE B 90 -6.40 -1.40 5.19
C ILE B 90 -6.44 0.13 5.34
N ALA B 91 -7.45 0.61 6.02
CA ALA B 91 -7.49 1.95 6.62
C ALA B 91 -8.14 1.77 8.01
N GLN B 92 -7.92 2.70 8.91
CA GLN B 92 -8.32 2.50 10.31
C GLN B 92 -9.45 3.41 10.75
N GLY B 93 -10.25 3.86 9.79
CA GLY B 93 -11.45 4.61 10.15
C GLY B 93 -12.71 3.84 9.85
N GLN B 94 -13.84 4.53 9.95
CA GLN B 94 -15.14 3.97 9.57
C GLN B 94 -15.54 4.64 8.26
N PRO B 95 -15.94 3.85 7.26
CA PRO B 95 -16.32 4.46 6.00
C PRO B 95 -17.63 5.21 6.14
N LYS B 96 -17.85 6.17 5.25
CA LYS B 96 -19.13 6.90 5.20
C LYS B 96 -19.40 7.37 3.78
N PRO B 97 -20.68 7.39 3.39
CA PRO B 97 -21.07 7.87 2.06
C PRO B 97 -20.68 9.32 1.92
N GLN B 98 -20.10 9.67 0.78
CA GLN B 98 -19.45 10.95 0.60
C GLN B 98 -19.54 11.31 -0.85
N ASN B 99 -19.61 12.60 -1.16
CA ASN B 99 -19.67 12.98 -2.56
C ASN B 99 -20.73 12.18 -3.31
N GLU B 100 -20.33 11.60 -4.43
CA GLU B 100 -21.28 10.93 -5.31
C GLU B 100 -21.76 9.60 -4.72
N ILE B 101 -21.17 9.19 -3.60
CA ILE B 101 -21.58 7.93 -2.98
C ILE B 101 -22.76 8.21 -2.06
N GLU B 102 -23.88 7.57 -2.37
CA GLU B 102 -25.09 7.82 -1.62
C GLU B 102 -25.22 6.75 -0.57
N ARG B 103 -24.91 5.51 -0.94
CA ARG B 103 -25.09 4.43 0.01
C ARG B 103 -23.87 3.49 0.09
N ILE B 104 -23.65 2.92 1.27
CA ILE B 104 -22.59 1.92 1.42
C ILE B 104 -23.15 0.72 2.17
N ALA B 105 -22.53 -0.44 1.98
CA ALA B 105 -22.94 -1.65 2.68
C ALA B 105 -21.79 -2.66 2.71
N LEU B 106 -22.06 -3.84 3.25
CA LEU B 106 -21.02 -4.85 3.46
C LEU B 106 -21.46 -6.15 2.85
N VAL B 107 -20.54 -6.84 2.18
CA VAL B 107 -20.87 -8.08 1.53
C VAL B 107 -20.15 -9.26 2.19
N SER B 108 -20.88 -10.32 2.58
CA SER B 108 -20.26 -11.45 3.33
C SER B 108 -19.83 -12.63 2.47
N SER B 109 -20.34 -12.70 1.25
CA SER B 109 -19.90 -13.75 0.33
C SER B 109 -20.25 -13.35 -1.11
N PRO B 110 -19.50 -13.88 -2.09
CA PRO B 110 -19.69 -13.51 -3.48
C PRO B 110 -21.05 -13.99 -3.99
N ASP B 111 -21.72 -14.82 -3.20
CA ASP B 111 -23.05 -15.28 -3.57
C ASP B 111 -24.12 -14.51 -2.83
N THR B 112 -23.77 -13.33 -2.35
CA THR B 112 -24.73 -12.48 -1.64
C THR B 112 -25.98 -12.19 -2.48
N ASP B 113 -27.08 -11.95 -1.76
CA ASP B 113 -28.39 -11.60 -2.32
C ASP B 113 -28.45 -10.18 -2.88
N MET B 114 -27.52 -9.37 -2.39
CA MET B 114 -27.47 -7.97 -2.71
C MET B 114 -27.28 -7.79 -4.21
N ASP B 115 -27.79 -6.67 -4.72
CA ASP B 115 -27.74 -6.40 -6.12
C ASP B 115 -26.38 -5.81 -6.50
N LEU B 116 -25.39 -6.69 -6.71
CA LEU B 116 -24.04 -6.24 -7.12
C LEU B 116 -23.86 -6.07 -8.61
N PHE B 117 -23.10 -5.06 -8.99
CA PHE B 117 -22.62 -5.03 -10.34
C PHE B 117 -21.91 -6.36 -10.66
N VAL B 118 -22.13 -6.86 -11.87
CA VAL B 118 -21.58 -8.16 -12.29
C VAL B 118 -20.06 -8.34 -12.11
N GLU B 119 -19.27 -7.41 -12.66
CA GLU B 119 -17.81 -7.42 -12.47
C GLU B 119 -17.40 -7.32 -10.99
N GLY B 120 -18.12 -6.53 -10.21
CA GLY B 120 -17.94 -6.49 -8.75
C GLY B 120 -18.10 -7.89 -8.16
N ARG B 121 -19.14 -8.60 -8.57
CA ARG B 121 -19.30 -9.98 -8.10
C ARG B 121 -18.19 -10.91 -8.56
N ALA B 122 -17.77 -10.77 -9.82
CA ALA B 122 -16.73 -11.61 -10.41
C ALA B 122 -15.45 -11.43 -9.59
N ILE B 123 -15.17 -10.18 -9.26
CA ILE B 123 -13.91 -9.91 -8.55
C ILE B 123 -13.94 -10.54 -7.14
N LEU B 124 -15.09 -10.44 -6.48
CA LEU B 124 -15.21 -11.01 -5.14
C LEU B 124 -15.10 -12.52 -5.14
N ARG B 125 -15.56 -13.17 -6.22
CA ARG B 125 -15.38 -14.62 -6.29
C ARG B 125 -13.89 -15.01 -6.34
N ARG B 126 -13.13 -14.29 -7.14
CA ARG B 126 -11.70 -14.57 -7.30
C ARG B 126 -10.98 -14.27 -6.01
N TYR B 127 -11.35 -13.17 -5.38
CA TYR B 127 -10.77 -12.81 -4.09
C TYR B 127 -11.07 -13.92 -3.05
N ALA B 128 -12.29 -14.42 -3.08
CA ALA B 128 -12.66 -15.51 -2.16
C ALA B 128 -11.75 -16.73 -2.34
N ARG B 129 -11.45 -17.09 -3.59
CA ARG B 129 -10.50 -18.19 -3.87
C ARG B 129 -9.12 -17.85 -3.31
N LEU B 130 -8.62 -16.68 -3.66
CA LEU B 130 -7.25 -16.29 -3.28
C LEU B 130 -7.05 -16.30 -1.77
N ARG B 131 -8.05 -15.82 -1.06
CA ARG B 131 -8.03 -15.77 0.41
C ARG B 131 -7.67 -17.14 1.02
N ASN B 132 -8.03 -18.24 0.35
CA ASN B 132 -7.82 -19.58 0.91
C ASN B 132 -6.55 -20.23 0.36
N GLU B 133 -5.93 -19.61 -0.65
CA GLU B 133 -4.80 -20.25 -1.39
C GLU B 133 -3.50 -20.42 -0.58
N GLU B 134 -2.86 -21.57 -0.73
CA GLU B 134 -1.55 -21.78 -0.12
C GLU B 134 -0.48 -21.31 -1.11
N THR B 135 -0.29 -19.99 -1.18
CA THR B 135 0.78 -19.38 -1.97
C THR B 135 1.32 -18.19 -1.16
N ALA B 136 2.47 -17.65 -1.58
CA ALA B 136 3.06 -16.50 -0.86
C ALA B 136 2.05 -15.36 -0.87
N LYS B 137 1.33 -15.18 -1.97
CA LYS B 137 0.33 -14.13 -2.00
C LYS B 137 -0.85 -14.37 -1.04
N GLY B 138 -1.39 -15.59 -1.07
CA GLY B 138 -2.45 -15.97 -0.13
C GLY B 138 -1.99 -15.75 1.29
N GLU B 139 -0.72 -16.08 1.60
CA GLU B 139 -0.20 -15.91 2.96
C GLU B 139 -0.12 -14.44 3.37
N ALA B 140 0.39 -13.62 2.46
CA ALA B 140 0.40 -12.16 2.63
C ALA B 140 -1.01 -11.59 2.82
N LEU B 141 -1.95 -12.04 2.00
CA LEU B 141 -3.33 -11.60 2.12
C LEU B 141 -3.86 -11.95 3.52
N ARG B 142 -3.67 -13.20 3.94
CA ARG B 142 -4.19 -13.62 5.25
C ARG B 142 -3.51 -12.87 6.40
N ALA B 143 -2.23 -12.56 6.24
CA ALA B 143 -1.54 -11.82 7.30
C ALA B 143 -2.08 -10.40 7.38
N LEU B 144 -2.38 -9.79 6.23
CA LEU B 144 -2.92 -8.44 6.25
C LEU B 144 -4.32 -8.44 6.89
N LEU B 145 -5.13 -9.44 6.58
CA LEU B 145 -6.43 -9.60 7.21
C LEU B 145 -6.32 -9.72 8.74
N GLY B 146 -5.32 -10.46 9.17
CA GLY B 146 -5.00 -10.60 10.60
C GLY B 146 -4.64 -9.28 11.26
N LEU B 147 -3.82 -8.48 10.59
CA LEU B 147 -3.53 -7.12 11.00
C LEU B 147 -4.82 -6.31 11.16
N ALA B 148 -5.68 -6.29 10.15
CA ALA B 148 -6.90 -5.51 10.26
C ALA B 148 -7.73 -5.97 11.47
N ARG B 149 -7.83 -7.27 11.64
CA ARG B 149 -8.55 -7.84 12.79
C ARG B 149 -7.99 -7.42 14.12
N TYR B 150 -6.67 -7.44 14.23
CA TYR B 150 -6.05 -6.97 15.45
C TYR B 150 -6.35 -5.49 15.68
N ILE B 151 -6.32 -4.69 14.63
CA ILE B 151 -6.58 -3.23 14.79
C ILE B 151 -7.99 -3.03 15.32
N ALA B 152 -8.92 -3.78 14.75
CA ALA B 152 -10.32 -3.67 15.12
C ALA B 152 -10.52 -4.11 16.58
N LYS B 153 -9.82 -5.18 16.98
CA LYS B 153 -9.90 -5.68 18.34
C LYS B 153 -9.44 -4.63 19.34
N VAL B 154 -8.30 -4.01 19.09
CA VAL B 154 -7.86 -2.93 19.98
C VAL B 154 -8.89 -1.79 20.04
N ASP B 155 -9.36 -1.31 18.88
CA ASP B 155 -10.41 -0.28 18.84
C ASP B 155 -11.66 -0.69 19.67
N GLU B 156 -12.27 -1.83 19.35
CA GLU B 156 -13.43 -2.27 20.13
C GLU B 156 -13.13 -2.33 21.63
N GLY B 157 -11.87 -2.57 21.98
CA GLY B 157 -11.46 -2.60 23.37
C GLY B 157 -11.60 -1.25 24.04
N HIS B 158 -11.25 -0.19 23.33
CA HIS B 158 -11.32 1.15 23.91
C HIS B 158 -12.73 1.72 23.95
#